data_4DXA
#
_entry.id   4DXA
#
_cell.length_a   57.548
_cell.length_b   77.970
_cell.length_c   59.757
_cell.angle_alpha   90.000
_cell.angle_beta   90.930
_cell.angle_gamma   90.000
#
_symmetry.space_group_name_H-M   'P 1 21 1'
#
loop_
_entity.id
_entity.type
_entity.pdbx_description
1 polymer 'Ras-related protein Rap-1b'
2 polymer 'Krev interaction trapped protein 1'
3 non-polymer "5'-GUANOSINE-DIPHOSPHATE-MONOTHIOPHOSPHATE"
4 non-polymer 'MAGNESIUM ION'
5 water water
#
loop_
_entity_poly.entity_id
_entity_poly.type
_entity_poly.pdbx_seq_one_letter_code
_entity_poly.pdbx_strand_id
1 'polypeptide(L)'
;GSMREYKLVVLGSVGVGKSALTVQFVQGIFVEKYDPTIEDSYRKQVEVDAQQCMLEILDTAGTEQFTAMRDLYMKNGQGF
ALVYSITAQSTFNDLQDLREQILRVKDTDDVPMILVGNKCDLEDERVVGKEQGQNLARQWNNCAFLESSAKSKINVNEIF
YDLVRQINR
;
A
2 'polypeptide(L)'
;GSPEFEKVRIYRMDGSYRSVELKHGNNTTVQQIMEGMRLSQETQQYFTIWICSENLSLQLKPYHKPLQHVRDWPEILAEL
TNLDPQRETPQLFLRRDVRLPLEVEKQIEDPLAILILFDEARYNLLKGFYTAPDAKLITLASLLLQIVYGNYESKKHKQG
FLNEENLKSIVPVTKLKSKAPHWTNRILHEYKNLSTSEGVSKEMHHLQRMFLQNCWEIPTYGAAFFTGQIFTKASPSNHK
VIPVYVGVNIKGLHLLNMETKALLISLKYGCFMWQLGDTDTCFQIHSMENKMSFIVHTKQAGLVVKLLMKLNGQLMPTER
NS
;
B
#
loop_
_chem_comp.id
_chem_comp.type
_chem_comp.name
_chem_comp.formula
GSP non-polymer 5'-GUANOSINE-DIPHOSPHATE-MONOTHIOPHOSPHATE 'C10 H16 N5 O13 P3 S'
MG non-polymer 'MAGNESIUM ION' 'Mg 2'
#
# COMPACT_ATOMS: atom_id res chain seq x y z
N SER A 2 -3.17 -21.84 3.79
CA SER A 2 -2.99 -20.44 3.44
C SER A 2 -1.93 -19.77 4.30
N MET A 3 -1.49 -18.60 3.85
CA MET A 3 -0.45 -17.85 4.55
C MET A 3 -0.96 -17.28 5.86
N ARG A 4 -0.29 -17.65 6.94
CA ARG A 4 -0.69 -17.23 8.27
C ARG A 4 -0.31 -15.77 8.52
N GLU A 5 -1.17 -15.05 9.24
CA GLU A 5 -0.96 -13.64 9.54
C GLU A 5 -0.47 -13.44 10.97
N TYR A 6 0.40 -12.45 11.17
CA TYR A 6 1.01 -12.18 12.47
C TYR A 6 0.85 -10.72 12.82
N LYS A 7 0.21 -10.45 13.96
CA LYS A 7 0.01 -9.08 14.42
C LYS A 7 1.12 -8.69 15.39
N LEU A 8 2.08 -7.91 14.89
CA LEU A 8 3.23 -7.47 15.67
C LEU A 8 3.08 -6.00 16.10
N VAL A 9 3.53 -5.69 17.31
CA VAL A 9 3.38 -4.33 17.87
C VAL A 9 4.75 -3.81 18.34
N VAL A 10 5.07 -2.59 17.94
CA VAL A 10 6.33 -1.97 18.29
C VAL A 10 6.08 -0.84 19.27
N LEU A 11 6.59 -1.01 20.48
CA LEU A 11 6.31 -0.11 21.58
C LEU A 11 7.61 0.48 22.13
N GLY A 12 7.50 1.56 22.89
CA GLY A 12 8.68 2.19 23.47
C GLY A 12 8.53 3.70 23.51
N SER A 13 9.49 4.38 24.14
CA SER A 13 9.38 5.83 24.31
C SER A 13 9.63 6.61 23.02
N VAL A 14 9.32 7.89 23.05
CA VAL A 14 9.52 8.74 21.90
C VAL A 14 10.99 8.81 21.46
N GLY A 15 11.19 8.70 20.15
CA GLY A 15 12.50 8.96 19.55
C GLY A 15 13.47 7.81 19.58
N VAL A 16 13.03 6.63 20.00
CA VAL A 16 13.93 5.48 20.13
C VAL A 16 14.23 4.83 18.79
N GLY A 17 13.38 5.09 17.79
CA GLY A 17 13.56 4.48 16.48
C GLY A 17 12.55 3.40 16.11
N LYS A 18 11.36 3.47 16.68
CA LYS A 18 10.34 2.46 16.39
C LYS A 18 9.91 2.56 14.93
N SER A 19 9.67 3.78 14.48
CA SER A 19 9.33 4.03 13.09
C SER A 19 10.48 3.71 12.15
N ALA A 20 11.68 4.16 12.50
CA ALA A 20 12.85 3.91 11.67
C ALA A 20 13.07 2.41 11.48
N LEU A 21 12.94 1.64 12.57
CA LEU A 21 13.09 0.19 12.51
C LEU A 21 12.02 -0.45 11.63
N THR A 22 10.77 -0.03 11.82
CA THR A 22 9.66 -0.57 11.04
C THR A 22 9.78 -0.23 9.55
N VAL A 23 10.16 1.01 9.24
CA VAL A 23 10.27 1.45 7.84
C VAL A 23 11.48 0.84 7.16
N GLN A 24 12.59 0.72 7.89
CA GLN A 24 13.74 0.03 7.35
C GLN A 24 13.37 -1.42 7.01
N PHE A 25 12.74 -2.10 7.96
CA PHE A 25 12.31 -3.48 7.74
C PHE A 25 11.36 -3.62 6.54
N VAL A 26 10.30 -2.81 6.53
CA VAL A 26 9.25 -2.95 5.54
C VAL A 26 9.59 -2.33 4.20
N GLN A 27 10.13 -1.11 4.23
CA GLN A 27 10.33 -0.36 2.99
C GLN A 27 11.80 -0.26 2.57
N GLY A 28 12.72 -0.64 3.44
CA GLY A 28 14.13 -0.56 3.10
C GLY A 28 14.64 0.87 2.95
N ILE A 29 14.08 1.77 3.74
CA ILE A 29 14.41 3.18 3.70
C ILE A 29 14.91 3.61 5.05
N PHE A 30 16.02 4.35 5.08
CA PHE A 30 16.39 5.07 6.29
C PHE A 30 16.81 6.50 5.99
N VAL A 31 16.13 7.45 6.62
CA VAL A 31 16.53 8.84 6.52
C VAL A 31 16.59 9.47 7.90
N GLU A 32 17.51 10.42 8.08
CA GLU A 32 17.63 11.13 9.35
C GLU A 32 16.33 11.84 9.69
N LYS A 33 15.65 12.35 8.66
CA LYS A 33 14.37 13.03 8.85
C LYS A 33 13.37 12.06 9.43
N TYR A 34 12.55 12.55 10.36
CA TYR A 34 11.54 11.71 10.97
C TYR A 34 10.22 12.47 11.10
N ASP A 35 9.12 11.73 10.99
CA ASP A 35 7.79 12.29 11.22
C ASP A 35 7.24 11.69 12.50
N PRO A 36 6.59 12.50 13.34
CA PRO A 36 6.03 11.92 14.57
C PRO A 36 4.91 10.93 14.25
N THR A 37 4.63 10.02 15.17
CA THR A 37 3.65 8.96 14.91
C THR A 37 2.46 9.00 15.84
N ILE A 38 1.27 8.87 15.25
CA ILE A 38 0.03 8.71 15.99
C ILE A 38 -0.25 7.20 16.04
N GLU A 39 -0.36 6.60 14.86
CA GLU A 39 -0.50 5.15 14.74
C GLU A 39 -0.44 4.72 13.29
N ASP A 40 0.58 3.93 12.96
CA ASP A 40 0.75 3.45 11.59
C ASP A 40 0.78 1.95 11.51
N SER A 41 0.17 1.40 10.47
CA SER A 41 0.18 -0.04 10.32
C SER A 41 0.82 -0.42 8.99
N TYR A 42 1.73 -1.37 9.02
CA TYR A 42 2.43 -1.79 7.81
C TYR A 42 2.19 -3.25 7.58
N ARG A 43 2.27 -3.66 6.31
CA ARG A 43 2.14 -5.06 5.99
C ARG A 43 3.32 -5.52 5.15
N LYS A 44 3.86 -6.70 5.47
CA LYS A 44 4.95 -7.28 4.69
C LYS A 44 4.96 -8.80 4.73
N GLN A 45 5.12 -9.40 3.56
CA GLN A 45 5.30 -10.84 3.46
C GLN A 45 6.77 -11.20 3.58
N VAL A 46 7.08 -12.17 4.44
CA VAL A 46 8.44 -12.60 4.68
C VAL A 46 8.48 -14.14 4.80
N GLU A 47 9.66 -14.73 4.67
CA GLU A 47 9.80 -16.15 4.93
C GLU A 47 10.53 -16.35 6.27
N VAL A 48 9.91 -17.11 7.15
CA VAL A 48 10.52 -17.47 8.44
C VAL A 48 10.43 -18.97 8.59
N ASP A 49 11.58 -19.63 8.74
CA ASP A 49 11.64 -21.09 8.86
C ASP A 49 10.91 -21.79 7.70
N ALA A 50 11.30 -21.44 6.47
CA ALA A 50 10.77 -22.04 5.25
C ALA A 50 9.28 -21.74 4.98
N GLN A 51 8.65 -20.97 5.85
CA GLN A 51 7.23 -20.69 5.75
C GLN A 51 7.00 -19.22 5.40
N GLN A 52 6.16 -18.97 4.41
CA GLN A 52 5.76 -17.61 4.06
C GLN A 52 4.83 -17.06 5.13
N CYS A 53 5.11 -15.85 5.61
CA CYS A 53 4.32 -15.23 6.67
C CYS A 53 3.88 -13.85 6.27
N MET A 54 2.63 -13.51 6.58
CA MET A 54 2.19 -12.14 6.40
C MET A 54 2.21 -11.39 7.71
N LEU A 55 3.10 -10.41 7.81
CA LEU A 55 3.23 -9.62 9.02
C LEU A 55 2.41 -8.35 8.94
N GLU A 56 1.71 -8.05 10.03
CA GLU A 56 1.09 -6.74 10.20
C GLU A 56 1.77 -6.11 11.41
N ILE A 57 2.47 -5.01 11.16
CA ILE A 57 3.26 -4.35 12.19
C ILE A 57 2.64 -3.00 12.51
N LEU A 58 2.34 -2.80 13.78
CA LEU A 58 1.76 -1.58 14.29
C LEU A 58 2.87 -0.73 14.88
N ASP A 59 3.03 0.48 14.35
CA ASP A 59 4.06 1.42 14.81
C ASP A 59 3.31 2.44 15.65
N THR A 60 3.71 2.59 16.91
CA THR A 60 2.86 3.29 17.86
C THR A 60 3.39 4.66 18.24
N ALA A 61 2.53 5.45 18.87
CA ALA A 61 2.97 6.69 19.50
C ALA A 61 3.70 6.29 20.76
N GLY A 62 4.81 6.95 21.06
CA GLY A 62 5.58 6.58 22.25
C GLY A 62 4.98 7.10 23.54
N THR A 63 3.76 7.63 23.47
CA THR A 63 3.18 8.40 24.57
C THR A 63 1.97 7.72 25.18
N GLU A 64 1.65 8.12 26.41
CA GLU A 64 0.47 7.60 27.11
C GLU A 64 -0.83 8.09 26.51
N GLN A 65 -0.74 9.04 25.58
CA GLN A 65 -1.88 9.43 24.75
C GLN A 65 -2.43 8.20 24.05
N PHE A 66 -3.67 8.31 23.60
CA PHE A 66 -4.29 7.25 22.80
C PHE A 66 -4.37 5.98 23.62
N THR A 67 -5.07 6.09 24.75
CA THR A 67 -5.20 4.99 25.71
C THR A 67 -6.00 3.84 25.11
N ALA A 68 -7.11 4.17 24.44
CA ALA A 68 -7.94 3.18 23.75
C ALA A 68 -7.08 2.32 22.84
N MET A 69 -6.15 2.97 22.15
CA MET A 69 -5.20 2.26 21.29
C MET A 69 -4.27 1.36 22.11
N ARG A 70 -3.73 1.89 23.20
CA ARG A 70 -2.79 1.13 24.04
C ARG A 70 -3.40 -0.18 24.55
N ASP A 71 -4.60 -0.08 25.10
CA ASP A 71 -5.30 -1.25 25.62
C ASP A 71 -5.62 -2.23 24.50
N LEU A 72 -5.93 -1.69 23.33
CA LEU A 72 -6.29 -2.50 22.18
C LEU A 72 -5.07 -3.18 21.55
N TYR A 73 -3.94 -2.49 21.55
CA TYR A 73 -2.68 -3.04 21.08
C TYR A 73 -2.38 -4.31 21.83
N MET A 74 -2.46 -4.22 23.14
CA MET A 74 -2.05 -5.33 23.98
C MET A 74 -3.05 -6.47 23.95
N LYS A 75 -4.33 -6.15 23.80
CA LYS A 75 -5.33 -7.20 23.66
C LYS A 75 -5.12 -7.97 22.36
N ASN A 76 -4.86 -7.26 21.27
CA ASN A 76 -4.80 -7.88 19.95
C ASN A 76 -3.41 -8.32 19.50
N GLY A 77 -2.38 -7.67 20.02
CA GLY A 77 -1.03 -7.96 19.62
C GLY A 77 -0.70 -9.41 19.92
N GLN A 78 -0.01 -10.06 18.99
CA GLN A 78 0.50 -11.41 19.18
C GLN A 78 1.96 -11.42 19.66
N GLY A 79 2.70 -10.38 19.32
CA GLY A 79 4.10 -10.28 19.68
C GLY A 79 4.50 -8.83 19.80
N PHE A 80 5.40 -8.54 20.73
CA PHE A 80 5.70 -7.14 21.05
C PHE A 80 7.21 -6.87 21.04
N ALA A 81 7.62 -5.87 20.29
CA ALA A 81 8.99 -5.38 20.37
C ALA A 81 9.02 -4.15 21.26
N LEU A 82 9.75 -4.27 22.38
CA LEU A 82 9.92 -3.17 23.32
C LEU A 82 11.28 -2.51 23.07
N VAL A 83 11.24 -1.34 22.43
CA VAL A 83 12.43 -0.67 21.95
C VAL A 83 12.84 0.46 22.88
N TYR A 84 14.14 0.53 23.16
CA TYR A 84 14.72 1.69 23.81
C TYR A 84 15.92 2.13 22.98
N SER A 85 16.45 3.30 23.30
CA SER A 85 17.66 3.75 22.65
C SER A 85 18.85 3.60 23.59
N ILE A 86 19.94 3.00 23.11
CA ILE A 86 21.15 2.90 23.95
C ILE A 86 21.76 4.25 24.27
N THR A 87 21.25 5.32 23.66
CA THR A 87 21.75 6.66 23.91
C THR A 87 20.93 7.46 24.93
N ALA A 88 19.86 6.84 25.43
CA ALA A 88 18.91 7.55 26.29
C ALA A 88 18.45 6.68 27.45
N GLN A 89 19.01 6.91 28.62
CA GLN A 89 18.73 6.11 29.81
C GLN A 89 17.23 6.09 30.14
N SER A 90 16.59 7.25 29.99
CA SER A 90 15.18 7.38 30.34
C SER A 90 14.31 6.40 29.54
N THR A 91 14.69 6.12 28.29
CA THR A 91 13.87 5.24 27.44
C THR A 91 14.00 3.77 27.85
N PHE A 92 15.15 3.43 28.42
CA PHE A 92 15.43 2.10 28.94
C PHE A 92 14.62 1.89 30.23
N ASN A 93 14.69 2.86 31.13
CA ASN A 93 13.88 2.90 32.34
C ASN A 93 12.38 2.72 32.13
N ASP A 94 11.86 3.30 31.05
CA ASP A 94 10.42 3.31 30.78
C ASP A 94 9.84 1.94 30.42
N LEU A 95 10.68 1.03 29.95
CA LEU A 95 10.19 -0.23 29.41
C LEU A 95 9.59 -1.20 30.44
N GLN A 96 9.97 -1.03 31.70
CA GLN A 96 9.47 -1.92 32.75
C GLN A 96 7.93 -1.94 32.85
N ASP A 97 7.30 -0.78 32.86
CA ASP A 97 5.85 -0.67 32.95
C ASP A 97 5.13 -1.20 31.71
N LEU A 98 5.73 -1.04 30.54
CA LEU A 98 5.17 -1.60 29.32
C LEU A 98 5.11 -3.10 29.49
N ARG A 99 6.22 -3.68 29.92
CA ARG A 99 6.33 -5.12 30.11
C ARG A 99 5.27 -5.65 31.09
N GLU A 100 5.09 -4.97 32.22
CA GLU A 100 4.10 -5.35 33.23
C GLU A 100 2.66 -5.19 32.76
N GLN A 101 2.39 -4.14 31.99
CA GLN A 101 1.08 -3.93 31.39
C GLN A 101 0.70 -5.06 30.42
N ILE A 102 1.62 -5.45 29.56
CA ILE A 102 1.38 -6.53 28.60
C ILE A 102 1.01 -7.83 29.32
N LEU A 103 1.82 -8.20 30.33
CA LEU A 103 1.60 -9.44 31.05
C LEU A 103 0.27 -9.41 31.80
N ARG A 104 -0.09 -8.24 32.30
CA ARG A 104 -1.36 -8.06 32.97
C ARG A 104 -2.55 -8.27 32.01
N VAL A 105 -2.51 -7.63 30.85
CA VAL A 105 -3.57 -7.80 29.85
C VAL A 105 -3.68 -9.23 29.33
N LYS A 106 -2.55 -9.85 29.03
CA LYS A 106 -2.57 -11.21 28.49
C LYS A 106 -2.85 -12.25 29.56
N ASP A 107 -2.77 -11.84 30.82
CA ASP A 107 -2.96 -12.75 31.95
C ASP A 107 -2.09 -14.01 31.84
N THR A 108 -0.83 -13.79 31.47
CA THR A 108 0.18 -14.85 31.38
C THR A 108 1.53 -14.22 31.10
N ASP A 109 2.59 -14.86 31.57
CA ASP A 109 3.94 -14.35 31.33
C ASP A 109 4.51 -14.98 30.07
N ASP A 110 3.68 -15.80 29.42
CA ASP A 110 4.04 -16.50 28.20
C ASP A 110 3.74 -15.67 26.94
N VAL A 111 4.25 -14.45 26.87
CA VAL A 111 3.95 -13.56 25.73
C VAL A 111 5.16 -13.38 24.80
N PRO A 112 4.98 -13.58 23.48
CA PRO A 112 6.06 -13.31 22.54
C PRO A 112 6.54 -11.86 22.64
N MET A 113 7.82 -11.70 22.95
CA MET A 113 8.34 -10.38 23.27
C MET A 113 9.82 -10.36 22.96
N ILE A 114 10.33 -9.21 22.57
CA ILE A 114 11.76 -9.08 22.40
C ILE A 114 12.14 -7.68 22.87
N LEU A 115 13.23 -7.61 23.64
CA LEU A 115 13.76 -6.36 24.15
C LEU A 115 14.79 -5.87 23.13
N VAL A 116 14.61 -4.65 22.65
CA VAL A 116 15.45 -4.12 21.58
C VAL A 116 16.19 -2.84 22.00
N GLY A 117 17.51 -2.91 21.97
CA GLY A 117 18.35 -1.75 22.24
C GLY A 117 18.75 -1.16 20.92
N ASN A 118 18.04 -0.12 20.51
CA ASN A 118 18.25 0.46 19.18
C ASN A 118 19.32 1.55 19.15
N LYS A 119 19.76 1.89 17.94
CA LYS A 119 20.78 2.92 17.69
C LYS A 119 22.15 2.46 18.13
N CYS A 120 22.41 1.17 17.98
CA CYS A 120 23.66 0.58 18.43
C CYS A 120 24.85 1.05 17.59
N ASP A 121 24.58 1.80 16.52
CA ASP A 121 25.63 2.32 15.69
C ASP A 121 26.22 3.60 16.27
N LEU A 122 25.45 4.25 17.15
CA LEU A 122 25.90 5.46 17.82
C LEU A 122 26.68 5.09 19.09
N GLU A 123 27.79 4.38 18.91
CA GLU A 123 28.56 3.89 20.07
C GLU A 123 29.14 5.03 20.92
N ASP A 124 29.60 6.10 20.27
CA ASP A 124 30.15 7.24 20.99
C ASP A 124 29.17 7.97 21.92
N GLU A 125 27.87 7.69 21.76
CA GLU A 125 26.86 8.28 22.63
C GLU A 125 26.16 7.24 23.49
N ARG A 126 26.68 6.01 23.49
CA ARG A 126 26.07 4.95 24.29
C ARG A 126 25.99 5.34 25.76
N VAL A 127 24.81 5.18 26.34
CA VAL A 127 24.60 5.42 27.77
C VAL A 127 24.18 4.13 28.49
N VAL A 128 23.40 3.32 27.79
CA VAL A 128 22.92 2.04 28.30
C VAL A 128 23.86 0.91 27.86
N GLY A 129 24.61 0.35 28.81
CA GLY A 129 25.53 -0.73 28.51
C GLY A 129 24.79 -1.96 28.01
N LYS A 130 25.38 -2.65 27.05
CA LYS A 130 24.80 -3.88 26.53
C LYS A 130 24.54 -4.89 27.65
N GLU A 131 25.45 -4.95 28.61
CA GLU A 131 25.29 -5.82 29.77
C GLU A 131 24.03 -5.48 30.57
N GLN A 132 23.64 -4.21 30.57
CA GLN A 132 22.43 -3.79 31.27
C GLN A 132 21.17 -4.24 30.53
N GLY A 133 21.21 -4.14 29.20
CA GLY A 133 20.14 -4.66 28.38
C GLY A 133 19.94 -6.14 28.64
N GLN A 134 21.04 -6.89 28.60
CA GLN A 134 21.07 -8.32 28.91
C GLN A 134 20.53 -8.60 30.31
N ASN A 135 20.98 -7.80 31.27
CA ASN A 135 20.51 -7.88 32.66
C ASN A 135 18.99 -7.68 32.77
N LEU A 136 18.43 -6.77 31.96
CA LEU A 136 16.99 -6.55 32.01
C LEU A 136 16.23 -7.75 31.43
N ALA A 137 16.65 -8.19 30.23
CA ALA A 137 16.05 -9.32 29.55
C ALA A 137 15.98 -10.56 30.42
N ARG A 138 17.08 -10.82 31.11
CA ARG A 138 17.21 -11.94 32.05
C ARG A 138 16.19 -11.77 33.18
N GLN A 139 16.14 -10.56 33.73
CA GLN A 139 15.19 -10.25 34.78
C GLN A 139 13.77 -10.55 34.30
N TRP A 140 13.53 -10.35 32.99
CA TRP A 140 12.24 -10.63 32.39
C TRP A 140 12.09 -12.08 31.94
N ASN A 141 12.42 -13.02 32.82
CA ASN A 141 12.32 -14.44 32.52
C ASN A 141 13.07 -14.85 31.24
N ASN A 142 14.30 -14.35 31.11
CA ASN A 142 15.18 -14.66 29.98
C ASN A 142 14.52 -14.35 28.64
N CYS A 143 13.85 -13.22 28.61
CA CYS A 143 13.21 -12.68 27.41
C CYS A 143 14.26 -12.48 26.31
N ALA A 144 13.87 -12.63 25.05
CA ALA A 144 14.80 -12.35 23.94
C ALA A 144 15.33 -10.90 23.99
N PHE A 145 16.55 -10.71 23.48
CA PHE A 145 17.22 -9.41 23.52
C PHE A 145 18.17 -9.22 22.33
N LEU A 146 18.06 -8.08 21.67
CA LEU A 146 18.93 -7.71 20.55
C LEU A 146 19.31 -6.23 20.60
N GLU A 147 20.54 -5.92 20.22
CA GLU A 147 20.88 -4.54 19.92
C GLU A 147 20.79 -4.32 18.42
N SER A 148 20.16 -3.24 18.02
CA SER A 148 19.87 -3.03 16.62
C SER A 148 20.27 -1.63 16.15
N SER A 149 20.30 -1.47 14.83
CA SER A 149 20.46 -0.16 14.20
C SER A 149 19.63 -0.10 12.93
N ALA A 150 18.66 0.82 12.90
CA ALA A 150 17.83 1.05 11.73
C ALA A 150 18.66 1.66 10.62
N LYS A 151 19.72 2.36 11.02
CA LYS A 151 20.59 3.06 10.08
C LYS A 151 21.48 2.05 9.37
N SER A 152 22.15 1.20 10.13
CA SER A 152 23.11 0.29 9.52
C SER A 152 22.54 -1.06 9.16
N LYS A 153 21.25 -1.27 9.46
CA LYS A 153 20.57 -2.55 9.24
C LYS A 153 21.29 -3.65 10.01
N ILE A 154 21.45 -3.42 11.30
CA ILE A 154 21.94 -4.46 12.19
C ILE A 154 20.73 -4.97 12.95
N ASN A 155 20.49 -6.27 12.87
CA ASN A 155 19.43 -6.93 13.63
C ASN A 155 18.01 -6.44 13.35
N VAL A 156 17.81 -5.71 12.25
CA VAL A 156 16.48 -5.22 11.95
C VAL A 156 15.49 -6.36 11.64
N ASN A 157 15.81 -7.18 10.65
CA ASN A 157 14.93 -8.30 10.30
C ASN A 157 14.73 -9.26 11.45
N GLU A 158 15.83 -9.50 12.16
CA GLU A 158 15.88 -10.47 13.25
C GLU A 158 14.82 -10.19 14.29
N ILE A 159 14.56 -8.93 14.55
CA ILE A 159 13.56 -8.52 15.54
C ILE A 159 12.19 -9.13 15.24
N PHE A 160 11.77 -8.99 14.00
CA PHE A 160 10.46 -9.44 13.59
C PHE A 160 10.45 -10.96 13.40
N TYR A 161 11.52 -11.49 12.83
CA TYR A 161 11.64 -12.93 12.65
C TYR A 161 11.56 -13.65 14.00
N ASP A 162 12.16 -13.05 15.03
CA ASP A 162 12.25 -13.72 16.35
C ASP A 162 10.86 -13.79 16.96
N LEU A 163 10.12 -12.69 16.86
CA LEU A 163 8.73 -12.66 17.32
C LEU A 163 7.85 -13.68 16.61
N VAL A 164 8.04 -13.86 15.31
CA VAL A 164 7.29 -14.85 14.55
C VAL A 164 7.56 -16.26 15.05
N ARG A 165 8.84 -16.58 15.21
CA ARG A 165 9.24 -17.86 15.76
C ARG A 165 8.61 -18.12 17.14
N GLN A 166 8.58 -17.10 17.98
CA GLN A 166 7.97 -17.22 19.31
C GLN A 166 6.49 -17.48 19.20
N ILE A 167 5.81 -16.75 18.31
CA ILE A 167 4.40 -16.96 18.07
C ILE A 167 4.16 -18.37 17.54
N ASN A 168 5.08 -18.89 16.73
CA ASN A 168 4.91 -20.24 16.20
C ASN A 168 5.07 -21.33 17.24
N ARG A 169 5.66 -21.00 18.39
CA ARG A 169 5.87 -22.03 19.43
C ARG A 169 4.58 -22.45 20.13
N PHE B 5 -9.19 15.65 20.74
CA PHE B 5 -8.28 15.14 19.72
C PHE B 5 -8.99 14.20 18.75
N GLU B 6 -8.80 14.44 17.46
CA GLU B 6 -9.40 13.60 16.44
C GLU B 6 -8.41 13.25 15.34
N LYS B 7 -8.49 12.03 14.84
CA LYS B 7 -7.60 11.59 13.77
C LYS B 7 -8.33 10.69 12.77
N VAL B 8 -7.68 10.44 11.64
CA VAL B 8 -8.25 9.59 10.62
C VAL B 8 -7.18 8.65 10.06
N ARG B 9 -7.58 7.44 9.72
CA ARG B 9 -6.69 6.52 9.02
C ARG B 9 -6.72 6.78 7.50
N ILE B 10 -5.54 6.99 6.92
CA ILE B 10 -5.41 7.07 5.48
C ILE B 10 -4.76 5.78 4.99
N TYR B 11 -5.51 5.00 4.23
CA TYR B 11 -5.03 3.69 3.80
C TYR B 11 -4.26 3.77 2.50
N ARG B 12 -3.48 2.74 2.23
CA ARG B 12 -2.96 2.49 0.88
C ARG B 12 -3.46 1.14 0.41
N MET B 13 -3.24 0.84 -0.87
CA MET B 13 -3.87 -0.33 -1.49
C MET B 13 -3.47 -1.67 -0.89
N ASP B 14 -2.33 -1.72 -0.21
CA ASP B 14 -1.86 -2.96 0.38
C ASP B 14 -2.46 -3.25 1.77
N GLY B 15 -3.31 -2.36 2.26
CA GLY B 15 -3.91 -2.58 3.56
C GLY B 15 -3.23 -1.82 4.69
N SER B 16 -2.03 -1.30 4.42
CA SER B 16 -1.38 -0.39 5.35
C SER B 16 -2.18 0.92 5.55
N TYR B 17 -1.96 1.57 6.68
CA TYR B 17 -2.50 2.91 6.89
C TYR B 17 -1.56 3.80 7.70
N ARG B 18 -1.81 5.09 7.60
CA ARG B 18 -1.14 6.05 8.45
C ARG B 18 -2.20 6.95 9.04
N SER B 19 -2.17 7.10 10.35
CA SER B 19 -3.14 7.97 11.00
C SER B 19 -2.67 9.41 10.89
N VAL B 20 -3.61 10.31 10.67
CA VAL B 20 -3.29 11.72 10.60
C VAL B 20 -4.26 12.49 11.50
N GLU B 21 -3.75 13.44 12.28
CA GLU B 21 -4.62 14.26 13.11
C GLU B 21 -5.53 15.16 12.26
N LEU B 22 -6.76 15.33 12.72
CA LEU B 22 -7.71 16.27 12.11
C LEU B 22 -7.74 17.55 12.94
N LYS B 23 -6.89 18.49 12.57
CA LYS B 23 -6.74 19.71 13.36
C LYS B 23 -7.94 20.64 13.29
N HIS B 24 -8.79 20.43 12.28
CA HIS B 24 -10.00 21.24 12.13
C HIS B 24 -11.25 20.37 12.07
N GLY B 25 -11.19 19.18 12.66
CA GLY B 25 -12.32 18.29 12.70
C GLY B 25 -12.75 17.87 11.30
N ASN B 26 -14.05 17.77 11.08
CA ASN B 26 -14.55 17.37 9.77
C ASN B 26 -14.35 18.46 8.71
N ASN B 27 -14.01 19.67 9.15
CA ASN B 27 -13.62 20.75 8.26
C ASN B 27 -12.16 20.65 7.75
N THR B 28 -11.41 19.66 8.23
CA THR B 28 -10.03 19.46 7.76
C THR B 28 -10.04 19.14 6.27
N THR B 29 -9.16 19.79 5.52
CA THR B 29 -9.08 19.61 4.07
C THR B 29 -8.11 18.52 3.63
N VAL B 30 -8.29 18.05 2.40
CA VAL B 30 -7.35 17.14 1.76
C VAL B 30 -5.92 17.70 1.84
N GLN B 31 -5.76 18.99 1.56
CA GLN B 31 -4.44 19.63 1.65
C GLN B 31 -3.79 19.49 3.03
N GLN B 32 -4.55 19.77 4.07
CA GLN B 32 -4.04 19.67 5.43
C GLN B 32 -3.72 18.22 5.82
N ILE B 33 -4.53 17.28 5.34
CA ILE B 33 -4.29 15.86 5.62
C ILE B 33 -3.03 15.36 4.92
N MET B 34 -2.83 15.85 3.70
CA MET B 34 -1.63 15.53 2.94
C MET B 34 -0.37 15.97 3.64
N GLU B 35 -0.46 17.01 4.47
CA GLU B 35 0.68 17.47 5.24
C GLU B 35 1.10 16.48 6.33
N GLY B 36 0.16 15.65 6.76
CA GLY B 36 0.42 14.72 7.85
C GLY B 36 0.90 13.36 7.35
N MET B 37 0.98 13.19 6.04
CA MET B 37 1.57 11.97 5.50
C MET B 37 3.09 12.03 5.69
N ARG B 38 3.81 11.04 5.18
CA ARG B 38 5.27 11.01 5.35
C ARG B 38 5.98 11.53 4.09
N LEU B 39 5.20 12.07 3.16
CA LEU B 39 5.75 12.54 1.90
C LEU B 39 6.43 13.89 2.07
N SER B 40 7.29 14.25 1.11
CA SER B 40 7.95 15.55 1.09
C SER B 40 7.10 16.52 0.30
N GLN B 41 7.49 17.80 0.27
CA GLN B 41 6.72 18.79 -0.47
C GLN B 41 6.71 18.44 -1.94
N GLU B 42 7.85 17.97 -2.43
CA GLU B 42 7.97 17.49 -3.80
C GLU B 42 7.06 16.29 -4.09
N THR B 43 7.13 15.27 -3.25
CA THR B 43 6.45 14.02 -3.54
C THR B 43 4.93 14.01 -3.26
N GLN B 44 4.46 14.93 -2.42
CA GLN B 44 3.02 15.15 -2.27
C GLN B 44 2.33 15.48 -3.61
N GLN B 45 3.07 16.07 -4.54
CA GLN B 45 2.46 16.46 -5.81
C GLN B 45 2.12 15.26 -6.71
N TYR B 46 2.61 14.07 -6.35
CA TYR B 46 2.35 12.87 -7.13
C TYR B 46 1.07 12.17 -6.70
N PHE B 47 0.61 12.48 -5.50
CA PHE B 47 -0.45 11.71 -4.88
C PHE B 47 -1.55 12.62 -4.34
N THR B 48 -2.69 12.04 -4.00
CA THR B 48 -3.71 12.79 -3.30
C THR B 48 -4.66 11.84 -2.62
N ILE B 49 -5.62 12.40 -1.91
CA ILE B 49 -6.63 11.63 -1.21
C ILE B 49 -7.82 11.27 -2.11
N TRP B 50 -8.18 9.99 -2.06
CA TRP B 50 -9.34 9.45 -2.74
C TRP B 50 -10.28 8.92 -1.68
N ILE B 51 -11.58 9.01 -1.94
CA ILE B 51 -12.55 8.34 -1.08
C ILE B 51 -13.09 7.13 -1.85
N CYS B 52 -13.00 5.95 -1.25
CA CYS B 52 -13.31 4.72 -1.99
C CYS B 52 -14.25 3.75 -1.27
N SER B 53 -15.22 3.23 -2.00
CA SER B 53 -16.00 2.08 -1.54
C SER B 53 -15.91 1.04 -2.64
N GLU B 54 -16.61 -0.07 -2.47
CA GLU B 54 -16.67 -1.13 -3.46
C GLU B 54 -17.27 -0.64 -4.79
N ASN B 55 -18.29 0.20 -4.71
CA ASN B 55 -19.02 0.61 -5.90
C ASN B 55 -18.54 1.92 -6.52
N LEU B 56 -17.61 2.61 -5.86
CA LEU B 56 -17.24 3.96 -6.28
C LEU B 56 -15.99 4.47 -5.60
N SER B 57 -15.00 4.88 -6.41
CA SER B 57 -13.77 5.48 -5.92
C SER B 57 -13.57 6.83 -6.62
N LEU B 58 -13.46 7.88 -5.83
CA LEU B 58 -13.38 9.25 -6.35
C LEU B 58 -12.13 9.99 -5.85
N GLN B 59 -11.41 10.63 -6.76
CA GLN B 59 -10.31 11.48 -6.35
C GLN B 59 -10.81 12.78 -5.73
N LEU B 60 -10.31 13.14 -4.57
CA LEU B 60 -10.73 14.41 -3.97
C LEU B 60 -9.81 15.57 -4.37
N LYS B 61 -10.37 16.78 -4.32
CA LYS B 61 -9.65 18.02 -4.62
C LYS B 61 -8.98 18.52 -3.36
N PRO B 62 -7.94 19.36 -3.50
CA PRO B 62 -7.23 19.89 -2.33
C PRO B 62 -8.11 20.62 -1.32
N TYR B 63 -9.11 21.36 -1.79
CA TYR B 63 -10.00 22.09 -0.91
C TYR B 63 -11.13 21.22 -0.30
N HIS B 64 -11.32 20.01 -0.80
CA HIS B 64 -12.35 19.12 -0.26
C HIS B 64 -12.09 18.74 1.21
N LYS B 65 -13.18 18.43 1.92
CA LYS B 65 -13.12 18.02 3.31
C LYS B 65 -13.56 16.57 3.40
N PRO B 66 -12.58 15.65 3.38
CA PRO B 66 -12.83 14.20 3.16
C PRO B 66 -13.84 13.60 4.13
N LEU B 67 -13.85 14.07 5.38
CA LEU B 67 -14.76 13.52 6.39
C LEU B 67 -16.22 13.87 6.13
N GLN B 68 -16.46 15.01 5.49
CA GLN B 68 -17.83 15.38 5.13
C GLN B 68 -18.31 14.52 3.96
N HIS B 69 -17.40 14.21 3.04
CA HIS B 69 -17.71 13.30 1.94
C HIS B 69 -18.06 11.92 2.50
N VAL B 70 -17.29 11.46 3.48
CA VAL B 70 -17.65 10.20 4.14
C VAL B 70 -19.05 10.32 4.74
N ARG B 71 -19.29 11.40 5.48
CA ARG B 71 -20.59 11.68 6.06
C ARG B 71 -21.72 11.69 5.02
N ASP B 72 -21.43 12.26 3.86
CA ASP B 72 -22.46 12.48 2.85
C ASP B 72 -22.52 11.38 1.81
N TRP B 73 -21.78 10.29 2.04
CA TRP B 73 -21.68 9.18 1.09
C TRP B 73 -23.01 8.62 0.53
N PRO B 74 -24.03 8.42 1.41
CA PRO B 74 -25.32 7.96 0.89
C PRO B 74 -25.90 8.94 -0.14
N GLU B 75 -25.79 10.22 0.13
CA GLU B 75 -26.28 11.25 -0.79
C GLU B 75 -25.42 11.33 -2.07
N ILE B 76 -24.11 11.17 -1.90
CA ILE B 76 -23.20 11.14 -3.04
C ILE B 76 -23.48 9.95 -3.94
N LEU B 77 -23.81 8.83 -3.31
CA LEU B 77 -24.13 7.61 -4.05
C LEU B 77 -25.43 7.74 -4.82
N ALA B 78 -26.43 8.34 -4.21
CA ALA B 78 -27.72 8.50 -4.88
C ALA B 78 -27.52 9.41 -6.09
N GLU B 79 -26.65 10.40 -5.95
CA GLU B 79 -26.40 11.39 -6.98
C GLU B 79 -25.60 10.86 -8.18
N LEU B 80 -24.59 10.02 -7.92
CA LEU B 80 -23.66 9.60 -8.96
C LEU B 80 -23.89 8.21 -9.52
N THR B 81 -24.76 7.43 -8.90
CA THR B 81 -24.93 6.05 -9.32
C THR B 81 -26.42 5.69 -9.43
N ASN B 82 -26.72 4.62 -10.16
CA ASN B 82 -28.08 4.09 -10.24
C ASN B 82 -28.44 3.22 -9.04
N LEU B 83 -27.49 3.03 -8.14
CA LEU B 83 -27.66 2.06 -7.05
C LEU B 83 -28.75 2.43 -6.06
N ASP B 84 -29.32 1.41 -5.42
CA ASP B 84 -30.20 1.62 -4.27
C ASP B 84 -29.30 1.86 -3.06
N PRO B 85 -29.87 2.36 -1.94
CA PRO B 85 -29.06 2.55 -0.73
C PRO B 85 -28.15 1.35 -0.42
N GLN B 86 -26.92 1.65 -0.03
CA GLN B 86 -25.90 0.64 0.22
C GLN B 86 -25.48 0.67 1.68
N ARG B 87 -24.79 -0.38 2.13
CA ARG B 87 -24.50 -0.52 3.56
C ARG B 87 -23.04 -0.21 3.90
N GLU B 88 -22.24 0.08 2.88
CA GLU B 88 -20.81 0.22 3.06
C GLU B 88 -20.38 1.65 3.44
N THR B 89 -19.42 1.74 4.36
CA THR B 89 -18.83 3.02 4.70
C THR B 89 -17.56 3.17 3.89
N PRO B 90 -17.41 4.28 3.16
CA PRO B 90 -16.19 4.43 2.38
C PRO B 90 -14.97 4.66 3.28
N GLN B 91 -13.79 4.44 2.72
CA GLN B 91 -12.55 4.76 3.42
C GLN B 91 -11.73 5.74 2.61
N LEU B 92 -10.81 6.42 3.28
CA LEU B 92 -9.88 7.32 2.63
C LEU B 92 -8.56 6.62 2.25
N PHE B 93 -8.17 6.77 0.98
CA PHE B 93 -6.92 6.22 0.49
C PHE B 93 -5.97 7.30 -0.05
N LEU B 94 -4.67 7.04 0.07
CA LEU B 94 -3.67 7.81 -0.66
C LEU B 94 -3.37 7.07 -1.94
N ARG B 95 -3.47 7.77 -3.08
CA ARG B 95 -3.31 7.13 -4.37
C ARG B 95 -2.73 8.13 -5.37
N ARG B 96 -2.17 7.61 -6.46
CA ARG B 96 -1.70 8.44 -7.56
C ARG B 96 -2.72 9.52 -7.97
N ASP B 97 -2.26 10.75 -8.10
CA ASP B 97 -3.07 11.81 -8.69
C ASP B 97 -3.28 11.49 -10.18
N VAL B 98 -4.54 11.44 -10.60
CA VAL B 98 -4.88 11.10 -12.00
C VAL B 98 -4.24 12.06 -13.01
N ARG B 99 -3.87 13.25 -12.55
CA ARG B 99 -3.34 14.30 -13.45
C ARG B 99 -1.82 14.21 -13.64
N LEU B 100 -1.18 13.32 -12.89
CA LEU B 100 0.27 13.21 -12.92
C LEU B 100 0.72 12.82 -14.32
N PRO B 101 1.49 13.69 -14.98
CA PRO B 101 1.92 13.35 -16.34
C PRO B 101 2.93 12.20 -16.34
N LEU B 102 2.79 11.27 -17.28
CA LEU B 102 3.69 10.13 -17.39
C LEU B 102 5.15 10.57 -17.49
N GLU B 103 5.41 11.60 -18.29
CA GLU B 103 6.77 12.16 -18.40
C GLU B 103 7.37 12.56 -17.05
N VAL B 104 6.51 13.02 -16.14
CA VAL B 104 6.98 13.41 -14.81
C VAL B 104 7.23 12.15 -13.97
N GLU B 105 6.31 11.21 -14.05
CA GLU B 105 6.42 9.98 -13.27
C GLU B 105 7.63 9.14 -13.68
N LYS B 106 8.02 9.23 -14.95
CA LYS B 106 9.10 8.43 -15.50
C LYS B 106 10.46 8.88 -14.98
N GLN B 107 10.47 10.02 -14.29
CA GLN B 107 11.72 10.54 -13.75
C GLN B 107 11.82 10.40 -12.22
N ILE B 108 10.71 10.09 -11.57
CA ILE B 108 10.74 9.96 -10.10
C ILE B 108 11.82 8.96 -9.69
N GLU B 109 12.62 9.32 -8.69
CA GLU B 109 13.61 8.38 -8.15
C GLU B 109 13.46 8.18 -6.64
N ASP B 110 12.57 8.97 -6.02
CA ASP B 110 12.32 8.86 -4.59
C ASP B 110 11.77 7.48 -4.21
N PRO B 111 12.48 6.77 -3.32
CA PRO B 111 12.11 5.41 -2.89
C PRO B 111 10.68 5.29 -2.37
N LEU B 112 10.21 6.25 -1.57
CA LEU B 112 8.85 6.16 -1.03
C LEU B 112 7.81 6.35 -2.13
N ALA B 113 8.01 7.33 -3.02
CA ALA B 113 7.09 7.51 -4.12
C ALA B 113 7.04 6.27 -4.99
N ILE B 114 8.20 5.70 -5.29
CA ILE B 114 8.24 4.53 -6.16
C ILE B 114 7.45 3.38 -5.54
N LEU B 115 7.69 3.07 -4.26
CA LEU B 115 6.99 1.95 -3.64
C LEU B 115 5.47 2.18 -3.61
N ILE B 116 5.04 3.42 -3.37
CA ILE B 116 3.60 3.71 -3.29
C ILE B 116 2.94 3.54 -4.67
N LEU B 117 3.63 4.04 -5.68
CA LEU B 117 3.16 3.87 -7.06
C LEU B 117 3.19 2.39 -7.41
N PHE B 118 4.26 1.71 -7.02
CA PHE B 118 4.39 0.28 -7.27
C PHE B 118 3.22 -0.53 -6.67
N ASP B 119 2.92 -0.29 -5.40
CA ASP B 119 1.88 -1.05 -4.73
C ASP B 119 0.53 -0.84 -5.40
N GLU B 120 0.27 0.40 -5.83
CA GLU B 120 -0.99 0.71 -6.49
C GLU B 120 -1.08 0.02 -7.85
N ALA B 121 0.01 0.02 -8.60
CA ALA B 121 0.04 -0.62 -9.91
C ALA B 121 -0.17 -2.12 -9.76
N ARG B 122 0.51 -2.73 -8.79
CA ARG B 122 0.33 -4.15 -8.47
C ARG B 122 -1.13 -4.46 -8.19
N TYR B 123 -1.78 -3.59 -7.44
CA TYR B 123 -3.17 -3.76 -7.07
C TYR B 123 -4.07 -3.79 -8.29
N ASN B 124 -3.81 -2.88 -9.23
CA ASN B 124 -4.57 -2.81 -10.47
C ASN B 124 -4.32 -4.03 -11.35
N LEU B 125 -3.07 -4.44 -11.43
CA LEU B 125 -2.71 -5.65 -12.19
C LEU B 125 -3.51 -6.87 -11.71
N LEU B 126 -3.44 -7.18 -10.43
CA LEU B 126 -4.12 -8.36 -9.89
C LEU B 126 -5.64 -8.27 -10.00
N LYS B 127 -6.16 -7.04 -9.93
CA LYS B 127 -7.58 -6.80 -10.01
C LYS B 127 -8.13 -7.02 -11.43
N GLY B 128 -7.22 -7.06 -12.41
CA GLY B 128 -7.61 -7.28 -13.79
C GLY B 128 -7.79 -6.03 -14.65
N PHE B 129 -7.42 -4.87 -14.10
CA PHE B 129 -7.62 -3.56 -14.76
C PHE B 129 -6.57 -3.25 -15.83
N TYR B 130 -5.49 -4.03 -15.83
CA TYR B 130 -4.49 -3.91 -16.87
C TYR B 130 -4.63 -5.00 -17.91
N THR B 131 -5.07 -4.64 -19.11
CA THR B 131 -5.02 -5.58 -20.20
C THR B 131 -3.67 -5.47 -20.90
N ALA B 132 -3.02 -6.60 -21.12
CA ALA B 132 -1.71 -6.64 -21.78
C ALA B 132 -1.50 -8.03 -22.37
N PRO B 133 -0.58 -8.15 -23.35
CA PRO B 133 -0.32 -9.49 -23.88
C PRO B 133 0.32 -10.40 -22.84
N ASP B 134 0.23 -11.71 -23.08
CA ASP B 134 0.72 -12.68 -22.11
C ASP B 134 2.17 -12.42 -21.73
N ALA B 135 3.02 -12.23 -22.74
CA ALA B 135 4.44 -11.95 -22.51
C ALA B 135 4.64 -10.87 -21.45
N LYS B 136 3.90 -9.78 -21.58
CA LYS B 136 3.95 -8.68 -20.62
C LYS B 136 3.50 -9.07 -19.21
N LEU B 137 2.40 -9.82 -19.11
CA LEU B 137 1.92 -10.27 -17.80
C LEU B 137 2.93 -11.22 -17.17
N ILE B 138 3.64 -11.98 -18.00
CA ILE B 138 4.63 -12.93 -17.49
C ILE B 138 5.85 -12.21 -16.93
N THR B 139 6.29 -11.17 -17.63
CA THR B 139 7.38 -10.33 -17.14
C THR B 139 7.01 -9.70 -15.78
N LEU B 140 5.81 -9.14 -15.69
CA LEU B 140 5.33 -8.56 -14.43
C LEU B 140 5.26 -9.59 -13.28
N ALA B 141 4.77 -10.78 -13.57
CA ALA B 141 4.73 -11.84 -12.56
C ALA B 141 6.13 -12.22 -12.04
N SER B 142 7.09 -12.26 -12.95
CA SER B 142 8.44 -12.65 -12.58
C SER B 142 9.11 -11.61 -11.69
N LEU B 143 8.76 -10.34 -11.91
CA LEU B 143 9.32 -9.27 -11.10
C LEU B 143 8.72 -9.31 -9.72
N LEU B 144 7.42 -9.56 -9.64
CA LEU B 144 6.76 -9.72 -8.34
C LEU B 144 7.39 -10.86 -7.53
N LEU B 145 7.77 -11.94 -8.21
CA LEU B 145 8.43 -13.05 -7.54
C LEU B 145 9.77 -12.61 -6.96
N GLN B 146 10.57 -11.93 -7.77
CA GLN B 146 11.88 -11.43 -7.33
C GLN B 146 11.71 -10.50 -6.15
N ILE B 147 10.70 -9.65 -6.22
CA ILE B 147 10.46 -8.66 -5.16
C ILE B 147 10.06 -9.31 -3.83
N VAL B 148 9.17 -10.30 -3.88
CA VAL B 148 8.72 -10.96 -2.65
C VAL B 148 9.61 -12.11 -2.15
N TYR B 149 10.11 -12.95 -3.06
CA TYR B 149 10.87 -14.15 -2.66
C TYR B 149 12.39 -14.01 -2.78
N GLY B 150 12.85 -12.88 -3.33
CA GLY B 150 14.28 -12.70 -3.52
C GLY B 150 14.73 -13.58 -4.67
N ASN B 151 16.02 -13.89 -4.70
CA ASN B 151 16.61 -14.63 -5.81
C ASN B 151 16.01 -16.01 -6.08
N TYR B 152 15.82 -16.32 -7.37
CA TYR B 152 15.45 -17.66 -7.80
C TYR B 152 16.48 -18.67 -7.31
N GLU B 153 16.00 -19.72 -6.68
CA GLU B 153 16.83 -20.84 -6.31
C GLU B 153 16.15 -22.09 -6.85
N SER B 154 16.88 -22.87 -7.65
CA SER B 154 16.32 -24.05 -8.29
C SER B 154 15.73 -25.02 -7.26
N LYS B 155 16.46 -25.20 -6.17
CA LYS B 155 16.01 -26.01 -5.04
C LYS B 155 14.59 -25.63 -4.59
N LYS B 156 14.33 -24.33 -4.50
CA LYS B 156 13.07 -23.83 -3.95
C LYS B 156 11.95 -23.65 -4.96
N HIS B 157 12.29 -23.29 -6.20
CA HIS B 157 11.29 -22.73 -7.09
C HIS B 157 10.99 -23.51 -8.35
N LYS B 158 11.89 -24.43 -8.72
CA LYS B 158 11.73 -25.15 -9.97
C LYS B 158 10.46 -25.99 -10.01
N GLN B 159 10.18 -26.71 -8.93
CA GLN B 159 9.03 -27.61 -8.91
C GLN B 159 8.23 -27.51 -7.61
N GLY B 160 6.91 -27.58 -7.74
CA GLY B 160 6.02 -27.56 -6.59
C GLY B 160 6.00 -26.25 -5.82
N PHE B 161 6.36 -25.16 -6.50
CA PHE B 161 6.39 -23.86 -5.86
C PHE B 161 5.18 -23.03 -6.27
N LEU B 162 5.07 -22.72 -7.57
CA LEU B 162 3.98 -21.88 -8.09
C LEU B 162 2.62 -22.56 -8.16
N ASN B 163 1.92 -22.64 -7.03
CA ASN B 163 0.60 -23.25 -6.98
C ASN B 163 -0.51 -22.22 -7.12
N GLU B 164 -1.76 -22.65 -7.00
CA GLU B 164 -2.89 -21.76 -7.17
C GLU B 164 -2.94 -20.65 -6.12
N GLU B 165 -2.45 -20.93 -4.91
CA GLU B 165 -2.48 -19.94 -3.84
C GLU B 165 -1.53 -18.77 -4.11
N ASN B 166 -0.34 -19.04 -4.61
CA ASN B 166 0.61 -17.95 -4.79
C ASN B 166 0.70 -17.42 -6.23
N LEU B 167 0.03 -18.10 -7.16
CA LEU B 167 -0.19 -17.54 -8.49
C LEU B 167 -1.13 -16.34 -8.39
N LYS B 168 -2.09 -16.40 -7.48
CA LYS B 168 -3.08 -15.34 -7.31
C LYS B 168 -2.44 -14.03 -6.88
N SER B 169 -1.20 -14.09 -6.42
CA SER B 169 -0.50 -12.88 -6.00
C SER B 169 0.39 -12.30 -7.09
N ILE B 170 0.49 -12.98 -8.25
CA ILE B 170 1.38 -12.49 -9.30
C ILE B 170 0.76 -12.34 -10.70
N VAL B 171 -0.49 -12.77 -10.87
CA VAL B 171 -1.19 -12.62 -12.15
C VAL B 171 -2.60 -12.10 -11.92
N PRO B 172 -3.21 -11.48 -12.95
CA PRO B 172 -4.57 -10.98 -12.77
C PRO B 172 -5.55 -12.09 -12.41
N VAL B 173 -6.49 -11.78 -11.53
CA VAL B 173 -7.53 -12.71 -11.13
C VAL B 173 -8.31 -13.19 -12.35
N THR B 174 -8.34 -12.38 -13.41
CA THR B 174 -9.06 -12.71 -14.64
C THR B 174 -8.35 -13.76 -15.49
N LYS B 175 -7.11 -14.06 -15.15
CA LYS B 175 -6.31 -15.02 -15.91
C LYS B 175 -5.99 -16.24 -15.07
N LEU B 176 -6.29 -16.15 -13.78
CA LEU B 176 -5.80 -17.07 -12.78
C LEU B 176 -6.20 -18.53 -13.04
N LYS B 177 -7.45 -18.74 -13.44
CA LYS B 177 -7.97 -20.10 -13.65
C LYS B 177 -8.00 -20.48 -15.13
N SER B 178 -7.89 -19.49 -16.00
CA SER B 178 -7.96 -19.71 -17.44
C SER B 178 -6.62 -20.13 -18.05
N LYS B 179 -5.67 -19.20 -18.16
CA LYS B 179 -4.42 -19.49 -18.85
C LYS B 179 -3.13 -19.27 -18.06
N ALA B 180 -3.24 -18.66 -16.88
CA ALA B 180 -2.07 -18.54 -16.00
C ALA B 180 -1.40 -19.88 -15.65
N PRO B 181 -2.19 -20.96 -15.41
CA PRO B 181 -1.53 -22.23 -15.09
C PRO B 181 -0.73 -22.86 -16.24
N HIS B 182 -0.63 -22.16 -17.36
CA HIS B 182 0.15 -22.65 -18.49
C HIS B 182 1.37 -21.77 -18.70
N TRP B 183 1.44 -20.71 -17.92
CA TRP B 183 2.55 -19.76 -17.96
C TRP B 183 3.60 -20.11 -16.92
N THR B 184 3.28 -21.08 -16.05
CA THR B 184 4.10 -21.33 -14.87
C THR B 184 5.57 -21.53 -15.21
N ASN B 185 5.84 -22.40 -16.18
CA ASN B 185 7.22 -22.59 -16.66
C ASN B 185 7.84 -21.32 -17.25
N ARG B 186 7.07 -20.57 -18.03
CA ARG B 186 7.54 -19.30 -18.60
C ARG B 186 7.81 -18.25 -17.51
N ILE B 187 6.96 -18.23 -16.48
CA ILE B 187 7.14 -17.33 -15.36
C ILE B 187 8.44 -17.65 -14.60
N LEU B 188 8.68 -18.93 -14.34
CA LEU B 188 9.86 -19.35 -13.57
C LEU B 188 11.17 -19.08 -14.31
N HIS B 189 11.14 -19.26 -15.62
CA HIS B 189 12.32 -19.02 -16.45
C HIS B 189 12.69 -17.53 -16.47
N GLU B 190 11.68 -16.66 -16.55
CA GLU B 190 11.93 -15.23 -16.53
C GLU B 190 12.44 -14.81 -15.16
N TYR B 191 11.88 -15.40 -14.12
CA TYR B 191 12.33 -15.20 -12.75
C TYR B 191 13.80 -15.61 -12.60
N LYS B 192 14.15 -16.82 -13.08
CA LYS B 192 15.53 -17.30 -13.03
C LYS B 192 16.51 -16.34 -13.70
N ASN B 193 16.21 -15.97 -14.95
CA ASN B 193 17.07 -15.07 -15.71
C ASN B 193 17.24 -13.73 -15.04
N LEU B 194 16.19 -13.33 -14.32
CA LEU B 194 16.22 -12.07 -13.58
C LEU B 194 17.29 -12.18 -12.51
N SER B 195 17.41 -13.36 -11.92
CA SER B 195 18.36 -13.58 -10.83
C SER B 195 19.79 -13.72 -11.34
N THR B 196 20.01 -14.59 -12.32
CA THR B 196 21.33 -14.76 -12.90
C THR B 196 21.80 -13.47 -13.59
N GLY B 199 24.04 -8.08 -13.62
CA GLY B 199 23.57 -7.09 -14.58
C GLY B 199 22.53 -6.15 -13.99
N VAL B 200 21.36 -6.70 -13.67
CA VAL B 200 20.25 -5.91 -13.16
C VAL B 200 20.29 -5.76 -11.64
N SER B 201 20.18 -4.52 -11.17
CA SER B 201 20.16 -4.23 -9.74
C SER B 201 19.00 -4.92 -9.03
N LYS B 202 19.32 -5.68 -7.98
CA LYS B 202 18.33 -6.42 -7.22
C LYS B 202 17.85 -5.63 -6.01
N GLU B 203 18.32 -4.38 -5.90
CA GLU B 203 17.83 -3.49 -4.86
C GLU B 203 16.32 -3.33 -5.01
N MET B 204 15.61 -3.29 -3.89
CA MET B 204 14.14 -3.30 -3.90
C MET B 204 13.51 -2.20 -4.76
N HIS B 205 14.00 -0.98 -4.61
CA HIS B 205 13.36 0.14 -5.29
CA HIS B 205 13.42 0.19 -5.28
C HIS B 205 13.66 0.16 -6.79
N HIS B 206 14.79 -0.41 -7.20
CA HIS B 206 15.05 -0.58 -8.61
C HIS B 206 14.09 -1.60 -9.22
N LEU B 207 13.88 -2.70 -8.51
CA LEU B 207 12.95 -3.74 -8.94
C LEU B 207 11.54 -3.19 -9.07
N GLN B 208 11.15 -2.33 -8.12
CA GLN B 208 9.82 -1.76 -8.13
C GLN B 208 9.65 -0.80 -9.31
N ARG B 209 10.68 -0.02 -9.59
CA ARG B 209 10.66 0.84 -10.79
C ARG B 209 10.56 0.04 -12.10
N MET B 210 11.24 -1.09 -12.17
CA MET B 210 11.19 -1.96 -13.34
C MET B 210 9.78 -2.48 -13.56
N PHE B 211 9.11 -2.83 -12.47
CA PHE B 211 7.72 -3.26 -12.53
C PHE B 211 6.90 -2.10 -13.10
N LEU B 212 7.10 -0.91 -12.55
CA LEU B 212 6.42 0.29 -13.04
C LEU B 212 6.67 0.60 -14.52
N GLN B 213 7.93 0.49 -14.96
CA GLN B 213 8.28 0.73 -16.37
C GLN B 213 7.45 -0.13 -17.30
N ASN B 214 7.23 -1.37 -16.91
CA ASN B 214 6.39 -2.28 -17.68
C ASN B 214 4.91 -1.90 -17.67
N CYS B 215 4.45 -1.28 -16.60
CA CYS B 215 3.06 -0.82 -16.52
C CYS B 215 2.83 0.49 -17.29
N TRP B 216 3.85 1.34 -17.36
CA TRP B 216 3.72 2.65 -17.97
C TRP B 216 3.20 2.63 -19.42
N GLU B 217 3.48 1.55 -20.15
CA GLU B 217 3.07 1.46 -21.54
C GLU B 217 1.72 0.79 -21.72
N ILE B 218 1.18 0.23 -20.64
CA ILE B 218 -0.20 -0.24 -20.64
C ILE B 218 -1.13 0.97 -20.80
N PRO B 219 -2.06 0.90 -21.76
CA PRO B 219 -2.86 2.08 -22.16
C PRO B 219 -3.75 2.61 -21.04
N THR B 220 -4.26 1.75 -20.17
CA THR B 220 -5.10 2.20 -19.04
C THR B 220 -4.31 2.57 -17.77
N TYR B 221 -2.98 2.63 -17.85
CA TYR B 221 -2.19 2.96 -16.69
C TYR B 221 -2.63 4.28 -16.06
N GLY B 222 -2.83 4.28 -14.75
CA GLY B 222 -3.07 5.53 -14.04
C GLY B 222 -4.49 6.05 -14.20
N ALA B 223 -5.38 5.18 -14.65
CA ALA B 223 -6.74 5.62 -14.95
C ALA B 223 -7.61 5.77 -13.73
N ALA B 224 -8.40 6.84 -13.72
CA ALA B 224 -9.53 6.95 -12.81
C ALA B 224 -10.66 6.14 -13.44
N PHE B 225 -11.32 5.30 -12.65
CA PHE B 225 -12.43 4.49 -13.17
C PHE B 225 -13.81 4.96 -12.70
N PHE B 226 -14.74 5.02 -13.64
CA PHE B 226 -16.11 5.35 -13.33
C PHE B 226 -16.97 4.19 -13.79
N THR B 227 -18.24 4.17 -13.40
CA THR B 227 -19.13 3.09 -13.82
C THR B 227 -20.22 3.62 -14.74
N GLY B 228 -20.64 2.80 -15.69
CA GLY B 228 -21.75 3.15 -16.55
C GLY B 228 -22.29 1.95 -17.30
N GLN B 229 -23.10 2.23 -18.33
CA GLN B 229 -23.68 1.19 -19.15
C GLN B 229 -23.68 1.65 -20.62
N ILE B 230 -23.48 0.71 -21.55
CA ILE B 230 -23.77 0.96 -22.96
C ILE B 230 -24.78 -0.07 -23.42
N PHE B 231 -25.48 0.22 -24.51
CA PHE B 231 -26.39 -0.74 -25.08
C PHE B 231 -25.81 -1.23 -26.40
N THR B 232 -25.84 -2.54 -26.59
CA THR B 232 -25.40 -3.12 -27.87
C THR B 232 -26.43 -2.79 -28.94
N LYS B 240 -28.96 -5.41 -25.65
CA LYS B 240 -28.62 -5.74 -24.26
C LYS B 240 -27.80 -4.64 -23.61
N VAL B 241 -28.12 -4.32 -22.36
CA VAL B 241 -27.34 -3.33 -21.63
C VAL B 241 -26.07 -3.98 -21.10
N ILE B 242 -24.93 -3.32 -21.32
CA ILE B 242 -23.66 -3.81 -20.81
C ILE B 242 -23.09 -2.86 -19.77
N PRO B 243 -23.01 -3.32 -18.51
CA PRO B 243 -22.33 -2.56 -17.46
C PRO B 243 -20.85 -2.42 -17.82
N VAL B 244 -20.32 -1.22 -17.74
CA VAL B 244 -18.91 -0.98 -18.11
C VAL B 244 -18.17 -0.13 -17.12
N TYR B 245 -16.85 -0.27 -17.10
CA TYR B 245 -15.97 0.67 -16.42
C TYR B 245 -15.50 1.66 -17.44
N VAL B 246 -15.63 2.93 -17.10
CA VAL B 246 -15.13 4.00 -17.93
C VAL B 246 -13.81 4.46 -17.27
N GLY B 247 -12.68 4.17 -17.93
CA GLY B 247 -11.38 4.59 -17.43
C GLY B 247 -10.89 5.82 -18.16
N VAL B 248 -10.45 6.81 -17.40
CA VAL B 248 -9.90 8.03 -17.97
C VAL B 248 -8.51 8.27 -17.38
N ASN B 249 -7.53 8.47 -18.25
CA ASN B 249 -6.16 8.71 -17.79
C ASN B 249 -5.46 9.74 -18.65
N ILE B 250 -4.16 9.93 -18.43
CA ILE B 250 -3.43 10.96 -19.18
C ILE B 250 -3.26 10.63 -20.66
N LYS B 251 -3.57 9.39 -21.05
CA LYS B 251 -3.49 8.97 -22.46
C LYS B 251 -4.82 9.10 -23.22
N GLY B 252 -5.94 8.91 -22.51
CA GLY B 252 -7.23 8.98 -23.18
C GLY B 252 -8.38 8.32 -22.43
N LEU B 253 -9.29 7.72 -23.19
CA LEU B 253 -10.51 7.11 -22.67
C LEU B 253 -10.52 5.62 -22.99
N HIS B 254 -10.94 4.82 -22.01
CA HIS B 254 -10.96 3.37 -22.17
C HIS B 254 -12.25 2.80 -21.58
N LEU B 255 -12.85 1.82 -22.24
CA LEU B 255 -14.04 1.15 -21.70
C LEU B 255 -13.74 -0.30 -21.42
N LEU B 256 -14.09 -0.76 -20.22
CA LEU B 256 -13.91 -2.17 -19.87
C LEU B 256 -15.27 -2.82 -19.62
N ASN B 257 -15.40 -4.07 -20.04
CA ASN B 257 -16.57 -4.83 -19.61
C ASN B 257 -16.47 -4.95 -18.09
N MET B 258 -17.53 -4.59 -17.37
CA MET B 258 -17.45 -4.57 -15.91
C MET B 258 -17.18 -5.97 -15.33
N GLU B 259 -17.84 -6.97 -15.91
CA GLU B 259 -17.79 -8.32 -15.39
C GLU B 259 -16.48 -9.04 -15.70
N THR B 260 -15.98 -8.88 -16.91
CA THR B 260 -14.80 -9.65 -17.35
C THR B 260 -13.52 -8.82 -17.39
N LYS B 261 -13.67 -7.50 -17.30
CA LYS B 261 -12.56 -6.55 -17.42
C LYS B 261 -11.97 -6.46 -18.83
N ALA B 262 -12.56 -7.18 -19.78
CA ALA B 262 -12.15 -7.09 -21.19
C ALA B 262 -12.14 -5.65 -21.69
N LEU B 263 -11.09 -5.29 -22.41
CA LEU B 263 -10.95 -3.96 -22.98
C LEU B 263 -11.81 -3.86 -24.24
N LEU B 264 -12.84 -3.03 -24.17
CA LEU B 264 -13.79 -2.91 -25.27
C LEU B 264 -13.35 -1.81 -26.23
N ILE B 265 -12.89 -0.71 -25.66
CA ILE B 265 -12.53 0.48 -26.43
C ILE B 265 -11.34 1.19 -25.76
N SER B 266 -10.34 1.54 -26.57
CA SER B 266 -9.25 2.36 -26.08
C SER B 266 -8.98 3.47 -27.10
N LEU B 267 -9.09 4.72 -26.66
CA LEU B 267 -8.91 5.87 -27.56
C LEU B 267 -7.94 6.91 -26.98
N LYS B 268 -6.98 7.34 -27.79
CA LYS B 268 -5.99 8.33 -27.36
C LYS B 268 -6.52 9.75 -27.60
N TYR B 269 -6.17 10.69 -26.72
CA TYR B 269 -6.53 12.09 -26.93
C TYR B 269 -6.10 12.56 -28.32
N GLY B 270 -6.96 13.33 -28.97
CA GLY B 270 -6.68 13.82 -30.31
C GLY B 270 -7.24 12.89 -31.37
N CYS B 271 -7.85 11.79 -30.94
CA CYS B 271 -8.38 10.80 -31.86
C CYS B 271 -9.87 10.60 -31.66
N PHE B 272 -10.44 11.38 -30.74
CA PHE B 272 -11.86 11.28 -30.45
C PHE B 272 -12.37 12.56 -29.83
N MET B 273 -13.68 12.71 -29.83
CA MET B 273 -14.35 13.89 -29.30
C MET B 273 -15.44 13.41 -28.36
N TRP B 274 -15.84 14.26 -27.41
CA TRP B 274 -16.87 13.89 -26.45
C TRP B 274 -17.94 14.97 -26.43
N GLN B 275 -19.14 14.57 -26.04
CA GLN B 275 -20.23 15.49 -25.83
C GLN B 275 -21.04 15.07 -24.63
N LEU B 276 -21.16 15.96 -23.66
CA LEU B 276 -22.01 15.69 -22.51
C LEU B 276 -23.47 15.80 -22.95
N GLY B 277 -24.25 14.77 -22.60
CA GLY B 277 -25.63 14.69 -23.03
C GLY B 277 -26.51 15.72 -22.35
N ASP B 278 -27.81 15.67 -22.71
CA ASP B 278 -28.89 16.49 -22.15
C ASP B 278 -28.62 17.07 -20.76
N THR B 279 -28.68 16.21 -19.75
CA THR B 279 -28.17 16.54 -18.43
C THR B 279 -27.00 15.60 -18.20
N ASP B 280 -26.45 15.59 -16.99
CA ASP B 280 -25.29 14.74 -16.71
C ASP B 280 -25.65 13.25 -16.60
N THR B 281 -26.42 12.76 -17.55
CA THR B 281 -26.92 11.39 -17.50
C THR B 281 -26.22 10.48 -18.51
N CYS B 282 -25.49 11.07 -19.46
CA CYS B 282 -24.78 10.29 -20.44
C CYS B 282 -23.80 11.17 -21.19
N PHE B 283 -22.89 10.53 -21.92
CA PHE B 283 -22.00 11.24 -22.81
C PHE B 283 -21.79 10.45 -24.10
N GLN B 284 -21.65 11.15 -25.21
CA GLN B 284 -21.39 10.49 -26.48
C GLN B 284 -19.92 10.63 -26.88
N ILE B 285 -19.38 9.59 -27.51
CA ILE B 285 -18.02 9.61 -28.01
C ILE B 285 -18.04 9.41 -29.52
N HIS B 286 -17.35 10.28 -30.25
CA HIS B 286 -17.19 10.10 -31.69
C HIS B 286 -15.72 9.93 -32.03
N SER B 287 -15.44 8.94 -32.87
CA SER B 287 -14.10 8.77 -33.40
C SER B 287 -13.81 9.76 -34.52
N MET B 288 -12.68 10.43 -34.44
CA MET B 288 -12.24 11.33 -35.47
C MET B 288 -11.86 10.54 -36.72
N GLU B 289 -11.32 9.35 -36.51
CA GLU B 289 -10.82 8.51 -37.59
C GLU B 289 -11.90 7.65 -38.25
N ASN B 290 -12.33 6.61 -37.54
CA ASN B 290 -13.20 5.58 -38.13
C ASN B 290 -14.69 5.92 -38.22
N LYS B 291 -15.04 7.16 -37.87
CA LYS B 291 -16.44 7.62 -37.92
C LYS B 291 -17.43 6.65 -37.27
N MET B 292 -17.01 6.11 -36.13
CA MET B 292 -17.88 5.29 -35.31
C MET B 292 -18.07 6.02 -33.98
N SER B 293 -19.10 5.62 -33.23
CA SER B 293 -19.50 6.38 -32.07
C SER B 293 -20.32 5.54 -31.12
N PHE B 294 -20.41 5.98 -29.88
CA PHE B 294 -21.17 5.28 -28.88
C PHE B 294 -21.58 6.22 -27.76
N ILE B 295 -22.63 5.83 -27.04
CA ILE B 295 -23.14 6.57 -25.91
C ILE B 295 -22.91 5.74 -24.66
N VAL B 296 -22.41 6.38 -23.62
CA VAL B 296 -22.25 5.74 -22.32
C VAL B 296 -23.24 6.36 -21.35
N HIS B 297 -24.11 5.53 -20.79
CA HIS B 297 -25.07 5.99 -19.79
C HIS B 297 -24.43 5.90 -18.40
N THR B 298 -24.41 7.03 -17.68
CA THR B 298 -23.86 7.08 -16.31
C THR B 298 -24.13 8.43 -15.66
N LYS B 299 -24.48 8.42 -14.38
CA LYS B 299 -24.68 9.68 -13.67
C LYS B 299 -23.38 10.34 -13.25
N GLN B 300 -22.26 9.70 -13.60
CA GLN B 300 -20.96 10.31 -13.45
C GLN B 300 -20.49 10.98 -14.75
N ALA B 301 -21.39 11.10 -15.73
CA ALA B 301 -21.04 11.65 -17.04
C ALA B 301 -20.38 13.01 -16.94
N GLY B 302 -20.90 13.86 -16.05
CA GLY B 302 -20.30 15.16 -15.80
C GLY B 302 -18.86 15.09 -15.30
N LEU B 303 -18.61 14.18 -14.37
CA LEU B 303 -17.26 14.00 -13.84
C LEU B 303 -16.31 13.49 -14.92
N VAL B 304 -16.76 12.55 -15.73
CA VAL B 304 -15.96 11.97 -16.80
C VAL B 304 -15.56 13.07 -17.81
N VAL B 305 -16.53 13.82 -18.27
CA VAL B 305 -16.27 14.86 -19.27
C VAL B 305 -15.34 15.95 -18.73
N LYS B 306 -15.58 16.40 -17.49
CA LYS B 306 -14.70 17.39 -16.85
C LYS B 306 -13.25 16.91 -16.83
N LEU B 307 -13.07 15.62 -16.60
CA LEU B 307 -11.73 15.05 -16.51
C LEU B 307 -11.12 14.85 -17.88
N LEU B 308 -11.92 14.42 -18.86
CA LEU B 308 -11.43 14.31 -20.24
C LEU B 308 -10.88 15.66 -20.69
N MET B 309 -11.60 16.73 -20.34
CA MET B 309 -11.26 18.08 -20.74
C MET B 309 -9.93 18.49 -20.12
N LYS B 310 -9.80 18.26 -18.81
CA LYS B 310 -8.61 18.64 -18.09
C LYS B 310 -7.40 17.86 -18.58
N LEU B 311 -7.54 16.55 -18.77
CA LEU B 311 -6.39 15.74 -19.13
C LEU B 311 -6.00 15.94 -20.59
N ASN B 312 -6.99 16.06 -21.47
CA ASN B 312 -6.72 16.47 -22.84
C ASN B 312 -6.00 17.82 -22.85
N GLY B 313 -6.50 18.73 -22.02
CA GLY B 313 -5.98 20.09 -21.97
C GLY B 313 -4.53 20.25 -21.54
N GLN B 314 -4.03 19.33 -20.72
CA GLN B 314 -2.63 19.45 -20.28
C GLN B 314 -1.69 18.82 -21.29
N LEU B 315 -2.28 18.30 -22.38
CA LEU B 315 -1.59 17.61 -23.49
C LEU B 315 -1.41 16.12 -23.22
PG GSP C . 8.09 8.46 18.36
O3B GSP C . 9.55 8.15 17.75
S1G GSP C . 8.15 10.32 18.89
O2G GSP C . 7.68 7.50 19.60
O3G GSP C . 6.88 8.47 17.31
PB GSP C . 10.24 6.81 17.15
O1B GSP C . 10.52 5.82 18.28
O2B GSP C . 9.69 6.18 15.92
PA GSP C . 11.94 7.60 14.99
O1A GSP C . 11.11 8.77 14.51
O2A GSP C . 11.97 6.31 14.22
O3A GSP C . 11.62 7.38 16.57
O5' GSP C . 13.48 8.08 15.12
C5' GSP C . 13.85 9.28 15.80
C4' GSP C . 15.17 9.78 15.25
O4' GSP C . 16.20 8.84 15.55
C3' GSP C . 15.14 9.90 13.74
O3' GSP C . 15.91 11.06 13.42
C2' GSP C . 15.89 8.69 13.24
O2' GSP C . 16.55 8.93 12.00
C1' GSP C . 16.87 8.42 14.37
N9 GSP C . 17.18 6.98 14.48
C8 GSP C . 16.28 5.99 14.66
N7 GSP C . 16.89 4.79 14.69
C5 GSP C . 18.21 4.99 14.53
C6 GSP C . 19.43 4.15 14.48
O6 GSP C . 19.38 2.91 14.60
N1 GSP C . 20.60 4.78 14.29
C2 GSP C . 20.71 6.12 14.15
N2 GSP C . 21.95 6.66 13.97
N3 GSP C . 19.64 6.94 14.20
C4 GSP C . 18.39 6.45 14.38
MG MG D . 7.50 6.96 15.49
#